data_5TO8
#
_entry.id   5TO8
#
_cell.length_a   37.625
_cell.length_b   93.565
_cell.length_c   43.214
_cell.angle_alpha   90.00
_cell.angle_beta   93.85
_cell.angle_gamma   90.00
#
_symmetry.space_group_name_H-M   'P 1 21 1'
#
loop_
_entity.id
_entity.type
_entity.pdbx_description
1 polymer 'Protein-tyrosine kinase 2-beta'
2 non-polymer 25-(methylsulfonyl)-8-(trifluoromethyl)-5,17,18,21,22,23,24,25-octahydro-12H-7,11-(azeno)-16,13-(metheno)pyrido[3,2-i]pyrrolo[1,2-q][1,3,7,11,17]pentaazacyclohenicosin-20(6H)-one
3 water water
#
_entity_poly.entity_id   1
_entity_poly.type   'polypeptide(L)'
_entity_poly.pdbx_seq_one_letter_code
;GSMGGPQYGIAREDVVLNRILGEGFFGEVYEGVYTNHKGEKINVAVKTCKKDCTLDNKEKFMSEAVIMKNLDHPHIVKLI
GIIEEEPTWIIMELYPYGELGHYLERNKNSLKVLTLVLYSLQICKAMAYLESINCVHRDIAVRNILVASPECVKLGDFGL
SRYIEDEDYYKASVTRLPIKWMSPESINFRRFTTASDVWMFAVCMWEILSFGKQPFFWLENKDVIGVLEKGDRLPKPDLC
PPVLYTLMTRCWDYDPSDRPRFTELVCSLSDVYQMEKDIAME
;
_entity_poly.pdbx_strand_id   A
#
# COMPACT_ATOMS: atom_id res chain seq x y z
N ILE A 10 6.03 10.12 -24.20
CA ILE A 10 7.03 9.08 -24.41
C ILE A 10 6.77 8.35 -25.72
N ALA A 11 7.81 8.14 -26.51
CA ALA A 11 7.66 7.39 -27.76
C ALA A 11 7.90 5.90 -27.52
N ARG A 12 7.11 5.06 -28.17
CA ARG A 12 7.15 3.63 -27.94
C ARG A 12 8.53 3.02 -28.18
N GLU A 13 9.28 3.56 -29.13
CA GLU A 13 10.60 3.03 -29.47
C GLU A 13 11.58 3.14 -28.29
N ASP A 14 11.28 4.03 -27.36
CA ASP A 14 12.14 4.24 -26.20
C ASP A 14 11.84 3.27 -25.05
N VAL A 15 10.83 2.41 -25.22
CA VAL A 15 10.48 1.42 -24.21
C VAL A 15 10.54 0.01 -24.78
N VAL A 16 11.44 -0.83 -24.24
CA VAL A 16 11.57 -2.21 -24.69
C VAL A 16 11.00 -3.15 -23.63
N LEU A 17 10.15 -4.10 -24.05
CA LEU A 17 9.61 -5.10 -23.11
C LEU A 17 10.49 -6.35 -23.03
N ASN A 18 10.84 -6.74 -21.81
CA ASN A 18 11.73 -7.87 -21.58
C ASN A 18 11.02 -9.16 -21.20
N ARG A 19 10.07 -9.06 -20.26
CA ARG A 19 9.31 -10.23 -19.85
C ARG A 19 7.97 -9.84 -19.21
N ILE A 20 7.15 -10.85 -19.00
CA ILE A 20 5.90 -10.72 -18.26
C ILE A 20 6.23 -10.39 -16.82
N LEU A 21 5.49 -9.45 -16.23
CA LEU A 21 5.53 -9.24 -14.78
C LEU A 21 4.33 -9.96 -14.17
N GLY A 22 3.15 -9.71 -14.72
CA GLY A 22 1.95 -10.38 -14.26
C GLY A 22 0.66 -9.84 -14.87
N GLU A 23 -0.47 -10.39 -14.45
CA GLU A 23 -1.75 -9.91 -14.96
C GLU A 23 -2.29 -8.80 -14.07
N GLY A 24 -2.34 -7.59 -14.60
CA GLY A 24 -2.92 -6.47 -13.87
C GLY A 24 -4.44 -6.54 -13.98
N PHE A 25 -5.11 -5.51 -13.50
CA PHE A 25 -6.57 -5.47 -13.53
C PHE A 25 -7.12 -5.33 -14.94
N PHE A 26 -6.47 -4.51 -15.76
CA PHE A 26 -6.95 -4.20 -17.11
C PHE A 26 -6.26 -5.02 -18.19
N GLY A 27 -5.18 -5.69 -17.82
CA GLY A 27 -4.40 -6.40 -18.81
C GLY A 27 -3.01 -6.68 -18.29
N GLU A 28 -2.19 -7.26 -19.15
CA GLU A 28 -0.88 -7.73 -18.75
C GLU A 28 0.00 -6.55 -18.37
N VAL A 29 0.90 -6.80 -17.41
CA VAL A 29 1.94 -5.88 -17.02
C VAL A 29 3.29 -6.53 -17.35
N TYR A 30 4.19 -5.76 -17.94
CA TYR A 30 5.48 -6.26 -18.44
C TYR A 30 6.62 -5.57 -17.71
N GLU A 31 7.74 -6.28 -17.62
CA GLU A 31 8.98 -5.67 -17.15
C GLU A 31 9.69 -5.23 -18.40
N GLY A 32 10.24 -4.03 -18.34
CA GLY A 32 10.91 -3.47 -19.50
C GLY A 32 11.97 -2.45 -19.10
N VAL A 33 12.47 -1.75 -20.11
CA VAL A 33 13.52 -0.76 -19.94
C VAL A 33 13.18 0.47 -20.77
N TYR A 34 13.14 1.61 -20.10
CA TYR A 34 12.89 2.88 -20.78
C TYR A 34 14.22 3.64 -20.86
N THR A 35 14.51 4.17 -22.05
CA THR A 35 15.75 4.94 -22.24
C THR A 35 15.42 6.43 -22.44
N ASN A 36 16.01 7.28 -21.60
CA ASN A 36 15.75 8.72 -21.60
C ASN A 36 15.92 9.42 -22.95
N HIS A 37 15.34 10.61 -23.06
CA HIS A 37 15.63 11.50 -24.18
C HIS A 37 17.06 12.01 -24.01
N LYS A 38 17.61 11.80 -22.82
CA LYS A 38 19.03 12.00 -22.54
C LYS A 38 19.76 10.66 -22.52
N GLY A 39 19.05 9.60 -22.92
CA GLY A 39 19.68 8.32 -23.17
C GLY A 39 20.09 7.43 -22.00
N GLU A 40 19.55 7.68 -20.82
CA GLU A 40 19.83 6.82 -19.65
C GLU A 40 18.78 5.72 -19.55
N LYS A 41 19.17 4.55 -19.04
CA LYS A 41 18.27 3.41 -18.96
C LYS A 41 17.57 3.29 -17.60
N ILE A 42 16.25 3.10 -17.64
CA ILE A 42 15.48 2.94 -16.40
C ILE A 42 14.58 1.68 -16.45
N ASN A 43 14.71 0.82 -15.44
CA ASN A 43 13.85 -0.35 -15.37
C ASN A 43 12.41 0.07 -15.09
N VAL A 44 11.48 -0.43 -15.89
CA VAL A 44 10.08 0.01 -15.79
C VAL A 44 9.10 -1.14 -15.74
N ALA A 45 7.92 -0.84 -15.22
CA ALA A 45 6.78 -1.75 -15.31
C ALA A 45 5.78 -1.12 -16.25
N VAL A 46 5.40 -1.87 -17.26
CA VAL A 46 4.56 -1.36 -18.34
C VAL A 46 3.17 -1.98 -18.22
N LYS A 47 2.20 -1.14 -17.90
CA LYS A 47 0.81 -1.56 -17.78
C LYS A 47 0.13 -1.40 -19.12
N THR A 48 -0.58 -2.44 -19.55
CA THR A 48 -1.33 -2.40 -20.80
C THR A 48 -2.81 -2.66 -20.53
N CYS A 49 -3.61 -2.42 -21.55
CA CYS A 49 -5.05 -2.70 -21.52
C CYS A 49 -5.35 -3.82 -22.52
N LYS A 50 -6.19 -4.79 -22.13
CA LYS A 50 -6.60 -5.85 -23.06
C LYS A 50 -7.32 -5.25 -24.27
N LYS A 51 -7.19 -5.87 -25.42
CA LYS A 51 -7.86 -5.38 -26.63
C LYS A 51 -9.37 -5.62 -26.56
N ASP A 52 -9.78 -6.47 -25.61
CA ASP A 52 -11.19 -6.80 -25.41
C ASP A 52 -11.90 -5.83 -24.46
N CYS A 53 -11.13 -4.92 -23.88
CA CYS A 53 -11.66 -4.02 -22.85
C CYS A 53 -12.82 -3.14 -23.32
N THR A 54 -13.79 -2.94 -22.43
CA THR A 54 -14.89 -2.01 -22.67
C THR A 54 -14.43 -0.60 -22.32
N ASN A 57 -14.11 0.97 -19.12
CA ASN A 57 -12.91 0.51 -18.43
C ASN A 57 -11.62 0.96 -19.12
N LYS A 58 -11.66 1.06 -20.44
CA LYS A 58 -10.52 1.60 -21.18
C LYS A 58 -10.32 3.08 -20.81
N GLU A 59 -11.42 3.72 -20.40
CA GLU A 59 -11.42 5.12 -19.99
C GLU A 59 -11.05 5.27 -18.51
N LYS A 60 -11.47 4.31 -17.69
CA LYS A 60 -11.07 4.29 -16.29
C LYS A 60 -9.57 4.04 -16.19
N PHE A 61 -9.07 3.21 -17.11
CA PHE A 61 -7.66 2.86 -17.19
C PHE A 61 -6.81 4.10 -17.47
N MET A 62 -7.27 4.97 -18.36
CA MET A 62 -6.52 6.19 -18.63
C MET A 62 -6.71 7.20 -17.51
N SER A 63 -7.91 7.28 -16.97
CA SER A 63 -8.20 8.27 -15.93
C SER A 63 -7.58 7.91 -14.57
N GLU A 64 -7.30 6.62 -14.34
CA GLU A 64 -6.53 6.23 -13.15
C GLU A 64 -5.05 6.57 -13.38
N ALA A 65 -4.66 6.59 -14.64
CA ALA A 65 -3.30 6.93 -15.02
C ALA A 65 -3.07 8.45 -14.91
N VAL A 66 -4.09 9.23 -15.23
CA VAL A 66 -4.01 10.69 -15.08
C VAL A 66 -3.81 11.03 -13.61
N ILE A 67 -4.58 10.37 -12.75
CA ILE A 67 -4.41 10.56 -11.32
C ILE A 67 -2.98 10.27 -10.87
N MET A 68 -2.44 9.11 -11.25
CA MET A 68 -1.08 8.74 -10.89
C MET A 68 -0.09 9.78 -11.43
N LYS A 69 -0.35 10.27 -12.63
CA LYS A 69 0.52 11.27 -13.25
C LYS A 69 0.60 12.53 -12.39
N ASN A 70 -0.48 12.84 -11.67
CA ASN A 70 -0.52 14.05 -10.86
C ASN A 70 -0.06 13.87 -9.41
N LEU A 71 0.19 12.63 -9.02
CA LEU A 71 0.71 12.34 -7.69
C LEU A 71 2.24 12.40 -7.65
N ASP A 72 2.79 12.96 -6.59
CA ASP A 72 4.22 12.89 -6.37
C ASP A 72 4.49 12.77 -4.88
N HIS A 73 5.00 11.63 -4.49
CA HIS A 73 5.27 11.41 -3.08
C HIS A 73 6.28 10.30 -3.02
N PRO A 74 7.26 10.43 -2.10
CA PRO A 74 8.36 9.47 -2.00
C PRO A 74 7.86 8.07 -1.67
N HIS A 75 6.63 7.96 -1.18
CA HIS A 75 6.13 6.65 -0.76
C HIS A 75 4.89 6.19 -1.50
N ILE A 76 4.78 6.65 -2.74
CA ILE A 76 3.80 6.14 -3.69
C ILE A 76 4.54 5.84 -5.00
N VAL A 77 4.20 4.71 -5.63
CA VAL A 77 4.87 4.30 -6.87
C VAL A 77 4.86 5.42 -7.90
N LYS A 78 5.97 5.59 -8.59
CA LYS A 78 6.13 6.71 -9.51
C LYS A 78 5.69 6.37 -10.94
N LEU A 79 4.84 7.20 -11.52
CA LEU A 79 4.53 7.08 -12.93
C LEU A 79 5.59 7.84 -13.70
N ILE A 80 6.20 7.19 -14.68
CA ILE A 80 7.25 7.84 -15.48
C ILE A 80 6.66 8.56 -16.69
N GLY A 81 5.69 7.94 -17.32
CA GLY A 81 5.03 8.55 -18.46
C GLY A 81 3.95 7.68 -19.03
N ILE A 82 3.28 8.20 -20.05
CA ILE A 82 2.17 7.49 -20.67
C ILE A 82 2.34 7.55 -22.19
N ILE A 83 2.60 6.40 -22.81
CA ILE A 83 2.57 6.30 -24.27
C ILE A 83 1.11 6.21 -24.67
N GLU A 84 0.55 7.33 -25.10
CA GLU A 84 -0.89 7.44 -25.33
C GLU A 84 -1.37 6.63 -26.52
N PRO A 87 -1.69 0.91 -29.08
CA PRO A 87 -2.03 0.30 -27.79
C PRO A 87 -1.46 1.11 -26.64
N THR A 88 -2.32 1.55 -25.72
CA THR A 88 -1.91 2.48 -24.65
C THR A 88 -1.14 1.82 -23.49
N TRP A 89 0.06 2.34 -23.22
CA TRP A 89 0.94 1.82 -22.17
C TRP A 89 1.18 2.84 -21.06
N ILE A 90 1.01 2.42 -19.79
CA ILE A 90 1.39 3.26 -18.65
C ILE A 90 2.76 2.82 -18.16
N ILE A 91 3.74 3.71 -18.24
CA ILE A 91 5.10 3.37 -17.84
C ILE A 91 5.35 3.77 -16.39
N MET A 92 5.43 2.76 -15.53
CA MET A 92 5.71 2.99 -14.11
C MET A 92 7.15 2.66 -13.82
N GLU A 93 7.70 3.27 -12.78
CA GLU A 93 9.02 2.87 -12.32
C GLU A 93 8.91 1.45 -11.76
N LEU A 94 9.90 0.61 -12.05
CA LEU A 94 9.90 -0.77 -11.54
C LEU A 94 10.69 -0.80 -10.25
N TYR A 95 10.16 -1.48 -9.26
CA TYR A 95 10.87 -1.71 -8.01
C TYR A 95 11.12 -3.21 -7.97
N PRO A 96 12.39 -3.62 -8.17
CA PRO A 96 12.77 -5.03 -8.37
C PRO A 96 12.74 -5.90 -7.12
N TYR A 97 12.79 -5.33 -5.92
CA TYR A 97 12.60 -6.14 -4.71
C TYR A 97 11.17 -6.70 -4.63
N GLY A 98 10.26 -6.11 -5.39
CA GLY A 98 8.91 -6.66 -5.48
C GLY A 98 7.99 -6.27 -4.33
N GLU A 99 7.04 -7.15 -4.02
CA GLU A 99 5.99 -6.87 -3.05
C GLU A 99 6.51 -6.95 -1.63
N LEU A 100 5.95 -6.10 -0.77
CA LEU A 100 6.38 -6.04 0.62
C LEU A 100 6.04 -7.31 1.37
N GLY A 101 4.87 -7.87 1.13
CA GLY A 101 4.49 -9.13 1.79
C GLY A 101 5.54 -10.21 1.63
N HIS A 102 5.91 -10.50 0.39
CA HIS A 102 6.95 -11.48 0.10
C HIS A 102 8.30 -11.10 0.71
N TYR A 103 8.69 -9.84 0.59
CA TYR A 103 9.92 -9.34 1.18
C TYR A 103 9.95 -9.55 2.70
N LEU A 104 8.84 -9.30 3.40
CA LEU A 104 8.78 -9.54 4.85
C LEU A 104 8.97 -11.02 5.19
N GLU A 105 8.32 -11.89 4.43
CA GLU A 105 8.36 -13.32 4.69
C GLU A 105 9.77 -13.86 4.47
N ARG A 106 10.40 -13.46 3.37
CA ARG A 106 11.75 -13.90 3.05
C ARG A 106 12.77 -13.38 4.03
N ASN A 107 12.54 -12.18 4.57
CA ASN A 107 13.57 -11.55 5.39
C ASN A 107 13.26 -11.44 6.86
N LYS A 108 12.31 -12.25 7.33
CA LYS A 108 11.83 -12.13 8.69
C LYS A 108 12.88 -12.49 9.75
N ASN A 109 13.89 -13.25 9.35
CA ASN A 109 14.97 -13.59 10.27
C ASN A 109 15.92 -12.40 10.49
N SER A 110 16.02 -11.53 9.50
CA SER A 110 16.97 -10.41 9.54
C SER A 110 16.34 -9.03 9.82
N LEU A 111 15.04 -8.88 9.58
CA LEU A 111 14.38 -7.59 9.79
C LEU A 111 14.21 -7.21 11.27
N LYS A 112 14.51 -5.95 11.59
CA LYS A 112 14.33 -5.45 12.95
C LYS A 112 13.05 -4.61 13.04
N VAL A 113 12.50 -4.53 14.25
CA VAL A 113 11.27 -3.78 14.49
C VAL A 113 11.36 -2.31 14.09
N LEU A 114 12.53 -1.69 14.24
CA LEU A 114 12.69 -0.31 13.81
C LEU A 114 12.31 -0.16 12.33
N THR A 115 12.63 -1.18 11.54
CA THR A 115 12.39 -1.08 10.09
C THR A 115 10.91 -1.26 9.76
N LEU A 116 10.27 -2.18 10.47
CA LEU A 116 8.82 -2.38 10.30
C LEU A 116 8.05 -1.11 10.71
N VAL A 117 8.51 -0.44 11.75
CA VAL A 117 7.90 0.84 12.13
C VAL A 117 8.17 1.91 11.08
N LEU A 118 9.36 1.91 10.52
CA LEU A 118 9.67 2.83 9.42
C LEU A 118 8.75 2.61 8.21
N TYR A 119 8.51 1.36 7.84
CA TYR A 119 7.61 1.09 6.71
C TYR A 119 6.21 1.62 6.99
N SER A 120 5.73 1.38 8.21
CA SER A 120 4.43 1.87 8.65
C SER A 120 4.33 3.39 8.57
N LEU A 121 5.34 4.06 9.08
CA LEU A 121 5.39 5.53 9.04
C LEU A 121 5.39 6.04 7.59
N GLN A 122 6.13 5.38 6.70
CA GLN A 122 6.19 5.81 5.29
C GLN A 122 4.84 5.69 4.58
N ILE A 123 4.14 4.60 4.87
CA ILE A 123 2.81 4.38 4.29
C ILE A 123 1.83 5.41 4.87
N CYS A 124 1.99 5.70 6.15
CA CYS A 124 1.13 6.67 6.83
C CYS A 124 1.28 8.05 6.21
N LYS A 125 2.52 8.43 5.91
CA LYS A 125 2.77 9.69 5.24
C LYS A 125 2.14 9.69 3.85
N ALA A 126 2.24 8.57 3.15
CA ALA A 126 1.58 8.48 1.84
C ALA A 126 0.07 8.69 1.97
N MET A 127 -0.53 8.08 2.99
CA MET A 127 -1.97 8.21 3.22
C MET A 127 -2.36 9.62 3.64
N ALA A 128 -1.56 10.24 4.49
CA ALA A 128 -1.80 11.63 4.90
C ALA A 128 -1.80 12.54 3.68
N TYR A 129 -0.88 12.28 2.76
CA TYR A 129 -0.80 13.02 1.51
C TYR A 129 -2.07 12.83 0.69
N LEU A 130 -2.42 11.58 0.42
CA LEU A 130 -3.64 11.26 -0.33
C LEU A 130 -4.87 11.94 0.28
N GLU A 131 -4.99 11.88 1.60
CA GLU A 131 -6.06 12.57 2.30
C GLU A 131 -6.08 14.07 1.97
N SER A 132 -4.90 14.68 1.95
CA SER A 132 -4.81 16.10 1.65
C SER A 132 -5.37 16.41 0.27
N CYS A 135 -8.13 12.10 -2.08
CA CYS A 135 -8.14 10.74 -2.60
C CYS A 135 -8.13 9.72 -1.46
N VAL A 136 -8.59 8.50 -1.76
CA VAL A 136 -8.51 7.39 -0.82
C VAL A 136 -7.67 6.28 -1.45
N HIS A 137 -7.42 5.25 -0.68
CA HIS A 137 -6.76 4.09 -1.24
C HIS A 137 -7.45 2.83 -0.74
N ARG A 138 -8.00 2.06 -1.66
CA ARG A 138 -8.84 0.93 -1.26
C ARG A 138 -8.09 -0.38 -1.10
N ASP A 139 -6.78 -0.38 -1.37
CA ASP A 139 -5.96 -1.59 -1.26
C ASP A 139 -4.63 -1.28 -0.56
N ILE A 140 -4.72 -0.82 0.69
CA ILE A 140 -3.54 -0.61 1.55
C ILE A 140 -3.23 -1.92 2.24
N ALA A 141 -2.38 -2.74 1.61
CA ALA A 141 -2.14 -4.10 2.05
C ALA A 141 -0.78 -4.53 1.53
N VAL A 142 -0.11 -5.44 2.23
CA VAL A 142 1.32 -5.66 1.95
C VAL A 142 1.60 -6.25 0.56
N ARG A 143 0.63 -6.96 0.00
CA ARG A 143 0.77 -7.51 -1.35
C ARG A 143 0.79 -6.39 -2.42
N ASN A 144 0.26 -5.24 -2.06
CA ASN A 144 0.11 -4.10 -2.96
C ASN A 144 0.99 -2.91 -2.57
N ILE A 145 2.08 -3.22 -1.86
CA ILE A 145 3.08 -2.21 -1.51
C ILE A 145 4.40 -2.72 -2.08
N LEU A 146 5.17 -1.84 -2.70
CA LEU A 146 6.40 -2.25 -3.36
C LEU A 146 7.59 -1.85 -2.51
N VAL A 147 8.65 -2.67 -2.53
CA VAL A 147 9.87 -2.33 -1.83
C VAL A 147 10.85 -1.68 -2.81
N ALA A 148 11.14 -0.39 -2.60
CA ALA A 148 12.07 0.31 -3.48
C ALA A 148 13.51 0.01 -3.07
N SER A 149 13.71 -0.14 -1.76
CA SER A 149 15.02 -0.41 -1.18
C SER A 149 14.73 -0.90 0.24
N PRO A 150 15.74 -1.47 0.92
CA PRO A 150 15.52 -2.01 2.27
C PRO A 150 14.93 -1.02 3.26
N GLU A 151 15.07 0.27 3.00
CA GLU A 151 14.54 1.30 3.90
C GLU A 151 13.54 2.22 3.20
N CYS A 152 12.90 1.73 2.14
CA CYS A 152 11.91 2.55 1.42
C CYS A 152 10.81 1.74 0.75
N VAL A 153 9.55 2.00 1.13
CA VAL A 153 8.42 1.32 0.51
C VAL A 153 7.52 2.30 -0.25
N LYS A 154 6.76 1.78 -1.21
CA LYS A 154 5.93 2.62 -2.07
C LYS A 154 4.56 2.01 -2.19
N LEU A 155 3.53 2.76 -1.82
CA LEU A 155 2.14 2.32 -1.99
C LEU A 155 1.86 2.12 -3.48
N GLY A 156 1.26 0.98 -3.83
CA GLY A 156 0.95 0.66 -5.23
C GLY A 156 -0.18 1.50 -5.81
N ASP A 157 -0.35 1.44 -7.13
CA ASP A 157 -1.37 2.24 -7.79
C ASP A 157 -2.76 1.59 -7.76
N PHE A 158 -2.81 0.26 -7.87
CA PHE A 158 -4.08 -0.47 -7.83
C PHE A 158 -4.84 -0.16 -6.56
N GLY A 159 -6.08 0.30 -6.71
CA GLY A 159 -6.93 0.66 -5.58
C GLY A 159 -6.84 2.12 -5.20
N LEU A 160 -5.94 2.86 -5.82
CA LEU A 160 -5.83 4.29 -5.55
C LEU A 160 -6.90 5.03 -6.33
N SER A 161 -7.77 5.76 -5.64
CA SER A 161 -8.89 6.42 -6.27
C SER A 161 -9.30 7.71 -5.57
N ARG A 162 -10.32 8.38 -6.11
CA ARG A 162 -10.85 9.63 -5.55
C ARG A 162 -11.90 9.36 -4.47
N ILE A 179 -12.53 -7.77 2.62
CA ILE A 179 -13.42 -7.91 3.77
C ILE A 179 -12.67 -7.92 5.11
N LYS A 180 -11.60 -8.70 5.17
CA LYS A 180 -10.83 -8.85 6.41
C LYS A 180 -9.97 -7.62 6.65
N TRP A 181 -10.10 -6.66 5.75
CA TRP A 181 -9.33 -5.41 5.80
C TRP A 181 -10.26 -4.23 6.09
N MET A 182 -11.57 -4.49 6.08
CA MET A 182 -12.58 -3.41 6.08
C MET A 182 -13.17 -2.99 7.43
N SER A 183 -13.43 -1.69 7.57
CA SER A 183 -14.07 -1.15 8.78
C SER A 183 -15.49 -1.71 8.96
N PRO A 184 -16.01 -1.66 10.20
CA PRO A 184 -17.37 -2.14 10.45
C PRO A 184 -18.41 -1.41 9.61
N GLU A 185 -18.31 -0.08 9.54
CA GLU A 185 -19.24 0.71 8.73
C GLU A 185 -19.11 0.38 7.23
N SER A 186 -17.92 0.00 6.80
CA SER A 186 -17.72 -0.39 5.41
C SER A 186 -18.43 -1.71 5.13
N ILE A 187 -18.47 -2.57 6.15
CA ILE A 187 -19.11 -3.88 6.01
C ILE A 187 -20.61 -3.77 6.25
N ASN A 188 -21.00 -3.10 7.33
CA ASN A 188 -22.41 -3.01 7.72
C ASN A 188 -23.24 -2.07 6.83
N PHE A 189 -22.61 -1.04 6.27
CA PHE A 189 -23.35 0.05 5.60
C PHE A 189 -22.73 0.55 4.31
N ARG A 190 -21.72 -0.16 3.80
CA ARG A 190 -21.05 0.18 2.52
C ARG A 190 -20.40 1.57 2.47
N ARG A 191 -20.22 2.20 3.64
CA ARG A 191 -19.60 3.52 3.72
C ARG A 191 -18.06 3.42 3.70
N PHE A 192 -17.41 4.31 2.96
CA PHE A 192 -15.96 4.27 2.85
C PHE A 192 -15.33 5.67 2.92
N THR A 193 -15.07 6.12 4.14
CA THR A 193 -14.51 7.44 4.41
C THR A 193 -13.02 7.36 4.78
N THR A 194 -12.40 8.53 4.94
CA THR A 194 -11.02 8.59 5.40
C THR A 194 -10.87 7.85 6.72
N ALA A 195 -11.88 7.92 7.59
CA ALA A 195 -11.82 7.23 8.88
C ALA A 195 -11.79 5.72 8.67
N SER A 196 -12.37 5.27 7.55
CA SER A 196 -12.38 3.84 7.22
C SER A 196 -11.03 3.43 6.65
N ASP A 197 -10.34 4.38 5.99
CA ASP A 197 -8.99 4.13 5.51
C ASP A 197 -8.00 4.06 6.68
N VAL A 198 -8.24 4.83 7.74
CA VAL A 198 -7.45 4.75 8.96
C VAL A 198 -7.55 3.36 9.58
N TRP A 199 -8.77 2.81 9.57
CA TRP A 199 -9.00 1.42 10.03
C TRP A 199 -8.13 0.49 9.19
N MET A 200 -8.28 0.58 7.87
CA MET A 200 -7.57 -0.29 6.96
C MET A 200 -6.05 -0.13 7.07
N PHE A 201 -5.60 1.11 7.28
CA PHE A 201 -4.19 1.38 7.51
C PHE A 201 -3.65 0.62 8.72
N ALA A 202 -4.40 0.57 9.81
CA ALA A 202 -3.92 -0.18 10.99
C ALA A 202 -3.89 -1.67 10.71
N VAL A 203 -4.81 -2.15 9.88
CA VAL A 203 -4.73 -3.54 9.44
C VAL A 203 -3.44 -3.79 8.67
N CYS A 204 -3.10 -2.88 7.76
CA CYS A 204 -1.83 -2.93 7.05
C CYS A 204 -0.64 -2.93 8.01
N MET A 205 -0.69 -2.06 9.03
CA MET A 205 0.36 -2.07 10.07
C MET A 205 0.46 -3.42 10.76
N TRP A 206 -0.68 -4.02 11.07
CA TRP A 206 -0.70 -5.35 11.68
C TRP A 206 -0.03 -6.40 10.78
N GLU A 207 -0.34 -6.36 9.49
CA GLU A 207 0.29 -7.24 8.50
C GLU A 207 1.80 -7.09 8.51
N ILE A 208 2.25 -5.84 8.50
CA ILE A 208 3.66 -5.52 8.48
C ILE A 208 4.36 -6.09 9.72
N LEU A 209 3.80 -5.79 10.88
CA LEU A 209 4.43 -6.21 12.14
C LEU A 209 4.30 -7.72 12.35
N SER A 210 3.43 -8.36 11.59
CA SER A 210 3.29 -9.82 11.64
C SER A 210 4.12 -10.50 10.55
N PHE A 211 4.94 -9.73 9.86
CA PHE A 211 5.73 -10.23 8.73
C PHE A 211 4.90 -10.81 7.59
N GLY A 212 3.76 -10.19 7.32
CA GLY A 212 3.02 -10.53 6.13
C GLY A 212 1.90 -11.55 6.31
N LYS A 213 1.57 -11.89 7.56
CA LYS A 213 0.43 -12.77 7.79
C LYS A 213 -0.87 -12.08 7.38
N GLN A 214 -1.86 -12.90 6.98
CA GLN A 214 -3.17 -12.40 6.60
C GLN A 214 -4.02 -12.08 7.82
N PRO A 215 -4.61 -10.87 7.83
CA PRO A 215 -5.49 -10.56 8.96
C PRO A 215 -6.68 -11.54 9.02
N PHE A 216 -7.02 -12.00 10.22
CA PHE A 216 -8.17 -12.88 10.39
C PHE A 216 -8.09 -14.15 9.54
N PHE A 217 -6.90 -14.70 9.36
CA PHE A 217 -6.76 -15.95 8.60
C PHE A 217 -7.53 -17.09 9.28
N TRP A 218 -7.76 -16.93 10.58
CA TRP A 218 -8.46 -17.96 11.35
C TRP A 218 -9.98 -17.90 11.18
N LEU A 219 -10.48 -16.85 10.50
CA LEU A 219 -11.91 -16.68 10.34
C LEU A 219 -12.36 -16.85 8.89
N GLU A 220 -13.63 -17.22 8.73
CA GLU A 220 -14.32 -17.07 7.46
C GLU A 220 -14.95 -15.69 7.43
N ASN A 221 -15.03 -15.10 6.25
CA ASN A 221 -15.58 -13.75 6.06
C ASN A 221 -16.85 -13.44 6.85
N LYS A 222 -17.77 -14.41 6.90
CA LYS A 222 -19.07 -14.21 7.55
C LYS A 222 -18.94 -13.96 9.05
N ASP A 223 -17.83 -14.42 9.64
CA ASP A 223 -17.63 -14.33 11.07
C ASP A 223 -16.98 -13.00 11.50
N VAL A 224 -16.43 -12.26 10.53
CA VAL A 224 -15.64 -11.07 10.85
C VAL A 224 -16.41 -10.00 11.63
N ILE A 225 -17.54 -9.56 11.10
CA ILE A 225 -18.27 -8.46 11.72
C ILE A 225 -18.76 -8.77 13.14
N GLY A 226 -19.21 -10.00 13.37
CA GLY A 226 -19.69 -10.37 14.69
C GLY A 226 -18.60 -10.28 15.74
N VAL A 227 -17.40 -10.70 15.35
CA VAL A 227 -16.21 -10.59 16.18
C VAL A 227 -15.92 -9.12 16.50
N LEU A 228 -15.96 -8.27 15.46
CA LEU A 228 -15.72 -6.84 15.64
C LEU A 228 -16.78 -6.24 16.57
N GLU A 229 -18.03 -6.60 16.33
CA GLU A 229 -19.14 -6.10 17.15
C GLU A 229 -19.04 -6.52 18.62
N LYS A 230 -18.37 -7.65 18.89
CA LYS A 230 -18.16 -8.10 20.26
C LYS A 230 -16.96 -7.41 20.91
N GLY A 231 -16.26 -6.59 20.14
CA GLY A 231 -15.12 -5.87 20.65
C GLY A 231 -13.78 -6.58 20.45
N ASP A 232 -13.80 -7.73 19.81
CA ASP A 232 -12.56 -8.46 19.55
C ASP A 232 -11.79 -7.83 18.39
N ARG A 233 -10.45 -7.91 18.43
CA ARG A 233 -9.61 -7.27 17.43
C ARG A 233 -8.48 -8.20 17.03
N LEU A 234 -7.76 -7.87 15.97
CA LEU A 234 -6.52 -8.59 15.63
C LEU A 234 -5.60 -8.56 16.85
N PRO A 235 -5.00 -9.71 17.20
CA PRO A 235 -4.16 -9.74 18.42
C PRO A 235 -2.83 -9.00 18.20
N LYS A 236 -2.13 -8.64 19.27
CA LYS A 236 -0.85 -7.91 19.13
C LYS A 236 0.21 -8.83 18.56
N PRO A 237 0.82 -8.44 17.41
CA PRO A 237 1.90 -9.28 16.90
C PRO A 237 3.07 -9.35 17.88
N ASP A 238 3.81 -10.46 17.88
CA ASP A 238 4.90 -10.67 18.82
C ASP A 238 5.91 -9.53 18.85
N LEU A 239 6.37 -9.10 17.69
CA LEU A 239 7.42 -8.07 17.63
C LEU A 239 6.87 -6.66 17.92
N CYS A 240 5.56 -6.53 17.87
CA CYS A 240 4.94 -5.20 17.97
C CYS A 240 5.12 -4.56 19.36
N PRO A 241 5.76 -3.37 19.40
CA PRO A 241 5.81 -2.57 20.64
C PRO A 241 4.40 -2.28 21.15
N PRO A 242 4.18 -2.46 22.46
CA PRO A 242 2.86 -2.22 23.05
C PRO A 242 2.27 -0.85 22.70
N VAL A 243 3.10 0.19 22.64
CA VAL A 243 2.62 1.53 22.27
C VAL A 243 2.00 1.56 20.86
N LEU A 244 2.59 0.80 19.95
CA LEU A 244 2.08 0.73 18.59
C LEU A 244 0.78 -0.08 18.53
N TYR A 245 0.68 -1.11 19.35
CA TYR A 245 -0.58 -1.87 19.39
C TYR A 245 -1.70 -1.00 19.93
N THR A 246 -1.39 -0.18 20.94
CA THR A 246 -2.38 0.75 21.48
C THR A 246 -2.83 1.73 20.40
N LEU A 247 -1.87 2.17 19.58
CA LEU A 247 -2.19 3.00 18.43
C LEU A 247 -3.10 2.28 17.42
N MET A 248 -2.75 1.03 17.09
CA MET A 248 -3.60 0.22 16.20
C MET A 248 -5.00 0.09 16.77
N THR A 249 -5.06 -0.14 18.08
CA THR A 249 -6.34 -0.29 18.78
C THR A 249 -7.23 0.95 18.65
N ARG A 250 -6.64 2.14 18.76
CA ARG A 250 -7.39 3.37 18.53
C ARG A 250 -7.94 3.43 17.11
N CYS A 251 -7.11 3.04 16.14
CA CYS A 251 -7.52 3.06 14.73
C CYS A 251 -8.69 2.13 14.48
N TRP A 252 -8.84 1.13 15.34
CA TRP A 252 -9.92 0.16 15.23
C TRP A 252 -11.05 0.50 16.21
N ASP A 253 -11.12 1.76 16.66
CA ASP A 253 -12.29 2.20 17.41
C ASP A 253 -13.53 1.90 16.58
N TYR A 254 -14.55 1.30 17.18
CA TYR A 254 -15.76 1.00 16.42
C TYR A 254 -16.43 2.26 15.86
N ASP A 255 -16.52 3.31 16.67
CA ASP A 255 -17.02 4.61 16.23
C ASP A 255 -15.94 5.34 15.45
N PRO A 256 -16.16 5.55 14.15
CA PRO A 256 -15.14 6.11 13.27
C PRO A 256 -14.74 7.54 13.60
N SER A 257 -15.58 8.26 14.34
CA SER A 257 -15.31 9.64 14.68
C SER A 257 -14.26 9.75 15.79
N ASP A 258 -14.06 8.66 16.51
CA ASP A 258 -13.08 8.61 17.59
C ASP A 258 -11.70 8.14 17.13
N ARG A 259 -11.64 7.61 15.91
CA ARG A 259 -10.36 7.14 15.34
C ARG A 259 -9.44 8.31 15.09
N PRO A 260 -8.11 8.11 15.26
CA PRO A 260 -7.14 9.15 14.94
C PRO A 260 -7.23 9.53 13.47
N ARG A 261 -6.80 10.74 13.13
CA ARG A 261 -6.68 11.15 11.74
C ARG A 261 -5.25 10.88 11.27
N PHE A 262 -5.04 10.83 9.97
CA PHE A 262 -3.72 10.48 9.43
C PHE A 262 -2.62 11.45 9.86
N THR A 263 -2.96 12.73 10.00
CA THR A 263 -1.96 13.72 10.43
C THR A 263 -1.49 13.44 11.85
N GLU A 264 -2.42 13.09 12.73
CA GLU A 264 -2.08 12.69 14.09
C GLU A 264 -1.24 11.41 14.09
N LEU A 265 -1.60 10.46 13.23
CA LEU A 265 -0.87 9.18 13.17
C LEU A 265 0.58 9.35 12.72
N VAL A 266 0.80 10.27 11.79
CA VAL A 266 2.16 10.58 11.35
C VAL A 266 3.00 11.04 12.53
N CYS A 267 2.43 11.90 13.35
CA CYS A 267 3.15 12.39 14.53
C CYS A 267 3.40 11.29 15.53
N SER A 268 2.38 10.48 15.79
CA SER A 268 2.48 9.39 16.74
C SER A 268 3.51 8.38 16.26
N LEU A 269 3.44 8.02 14.99
CA LEU A 269 4.37 7.02 14.43
C LEU A 269 5.80 7.53 14.39
N SER A 270 5.94 8.84 14.18
CA SER A 270 7.24 9.46 14.11
C SER A 270 7.87 9.41 15.51
N ASP A 271 7.05 9.55 16.54
CA ASP A 271 7.52 9.41 17.92
C ASP A 271 7.91 7.97 18.23
N VAL A 272 7.09 7.02 17.78
CA VAL A 272 7.41 5.61 18.04
C VAL A 272 8.71 5.24 17.34
N TYR A 273 8.87 5.71 16.11
CA TYR A 273 10.06 5.45 15.31
C TYR A 273 11.33 6.00 15.98
N GLN A 274 11.27 7.25 16.44
CA GLN A 274 12.42 7.87 17.08
C GLN A 274 12.78 7.16 18.37
N MET A 275 11.77 6.76 19.11
CA MET A 275 12.01 5.98 20.31
C MET A 275 12.64 4.61 20.03
N GLU A 276 12.11 3.89 19.05
CA GLU A 276 12.66 2.58 18.69
C GLU A 276 14.09 2.70 18.18
N LYS A 277 14.37 3.80 17.49
CA LYS A 277 15.72 4.10 17.02
C LYS A 277 16.69 4.22 18.20
N ASP A 278 16.31 4.98 19.23
CA ASP A 278 17.15 5.14 20.41
C ASP A 278 17.33 3.83 21.18
N ILE A 279 16.24 3.11 21.35
CA ILE A 279 16.30 1.78 21.94
C ILE A 279 17.23 0.83 21.17
N ALA A 280 17.21 0.91 19.85
CA ALA A 280 18.04 0.04 19.00
C ALA A 280 19.53 0.40 19.03
N MET A 281 19.82 1.71 19.05
CA MET A 281 21.21 2.14 19.10
C MET A 281 21.42 3.34 20.01
#